data_3QS5
#
_entry.id   3QS5
#
_cell.length_a   90.928
_cell.length_b   87.090
_cell.length_c   81.867
_cell.angle_alpha   90.00
_cell.angle_beta   94.75
_cell.angle_gamma   90.00
#
_symmetry.space_group_name_H-M   'C 1 2 1'
#
loop_
_entity.id
_entity.type
_entity.pdbx_description
1 polymer 'Na(+):neurotransmitter symporter (Snf family)'
2 non-polymer TRYPTOPHAN
3 non-polymer 'SODIUM ION'
4 non-polymer 'octyl beta-D-glucopyranoside'
5 water water
#
_entity_poly.entity_id   1
_entity_poly.type   'polypeptide(L)'
_entity_poly.pdbx_seq_one_letter_code
;MEVKREHWATRLGLILAMAGNAVGLGNFLRFPVQAAENGGGAFMIPYIIAFLLVGIPLMWIEWAMGRYGGAQGHGTTPAI
FYLLWRNRFAKILGVFGLWIPLVVAIYYVYIESWTLGFAIKFLVGLVPEPPPNATDPDSILRPFKEFLYSYIGVPKGDEP
ILKPSLFAYIVFLITMFINVSILIRGISKGIERFAKIAMPTLFILAVFLVIRVFLLETPNGTAADGLNFLWTPDFEKLKD
PGVWIAAVGQIFFTLSLGFGAIITYASYVRKDQDIVLSGLTAATLNEKAEVILGGSISIPAAVAFFGVANAVAIAKAGAF
NLGFITLPAIFSQTAGGTFLGFLWFFLLFFAGLTSSIAQMQPMIAFLEDELKLSRKHAVLWTAAIVFFSAHLVMFLNKSL
DEMDFWAGTIGVVFFGLTELIIFFWIFGADKAWEEINRGGIIKVPRIYYYVMRYITPAFLAVLLVVWAREYIPKIMEETH
WTVWITRFYIIGLFLFLTFLVFLAERRRNHESAGTLVPR
;
_entity_poly.pdbx_strand_id   A
#
loop_
_chem_comp.id
_chem_comp.type
_chem_comp.name
_chem_comp.formula
BOG D-saccharide 'octyl beta-D-glucopyranoside' 'C14 H28 O6'
NA non-polymer 'SODIUM ION' 'Na 1'
#
# COMPACT_ATOMS: atom_id res chain seq x y z
N ARG A 5 8.61 -26.42 1.74
CA ARG A 5 8.08 -25.07 1.56
C ARG A 5 8.68 -24.11 2.58
N GLU A 6 8.84 -22.85 2.16
CA GLU A 6 9.44 -21.82 3.00
C GLU A 6 8.56 -21.45 4.18
N HIS A 7 9.18 -21.27 5.34
CA HIS A 7 8.50 -20.80 6.53
C HIS A 7 9.30 -19.67 7.17
N TRP A 8 8.61 -18.78 7.89
CA TRP A 8 9.30 -17.73 8.63
C TRP A 8 10.16 -18.36 9.72
N ALA A 9 11.43 -17.97 9.77
CA ALA A 9 12.37 -18.55 10.71
C ALA A 9 12.09 -18.15 12.15
N THR A 10 11.83 -16.86 12.38
CA THR A 10 11.58 -16.36 13.72
C THR A 10 10.31 -15.52 13.81
N ARG A 11 9.76 -15.43 15.01
CA ARG A 11 8.53 -14.67 15.24
C ARG A 11 8.73 -13.17 15.09
N LEU A 12 9.88 -12.67 15.52
CA LEU A 12 10.20 -11.26 15.36
C LEU A 12 10.27 -10.91 13.88
N GLY A 13 11.03 -11.70 13.14
CA GLY A 13 11.15 -11.51 11.71
C GLY A 13 9.80 -11.54 11.03
N LEU A 14 8.96 -12.49 11.44
CA LEU A 14 7.61 -12.59 10.91
C LEU A 14 6.84 -11.30 11.17
N ILE A 15 6.85 -10.86 12.43
CA ILE A 15 6.17 -9.64 12.82
C ILE A 15 6.67 -8.44 12.03
N LEU A 16 7.99 -8.33 11.93
CA LEU A 16 8.61 -7.19 11.25
C LEU A 16 8.37 -7.23 9.74
N ALA A 17 8.25 -8.43 9.19
CA ALA A 17 7.99 -8.60 7.77
C ALA A 17 6.56 -8.17 7.46
N MET A 18 5.63 -8.57 8.33
CA MET A 18 4.24 -8.18 8.20
C MET A 18 4.07 -6.69 8.46
N ALA A 19 4.84 -6.16 9.40
CA ALA A 19 4.83 -4.73 9.69
C ALA A 19 5.40 -3.94 8.52
N GLY A 20 6.47 -4.45 7.90
CA GLY A 20 7.07 -3.83 6.74
C GLY A 20 6.15 -3.87 5.53
N ASN A 21 5.38 -4.94 5.45
CA ASN A 21 4.33 -5.07 4.45
C ASN A 21 3.30 -3.95 4.61
N ALA A 22 2.88 -3.71 5.85
CA ALA A 22 1.77 -2.79 6.11
C ALA A 22 2.23 -1.34 6.14
N VAL A 23 3.36 -1.09 6.79
CA VAL A 23 4.00 0.23 6.86
C VAL A 23 4.72 0.68 5.58
N GLY A 24 4.15 1.63 4.83
CA GLY A 24 4.79 2.12 3.62
C GLY A 24 4.55 3.58 3.28
N LEU A 25 4.56 3.85 1.98
CA LEU A 25 4.32 5.18 1.47
C LEU A 25 2.95 5.66 1.94
N GLY A 26 1.99 4.74 2.08
CA GLY A 26 0.68 5.09 2.57
C GLY A 26 0.72 5.73 3.94
N ASN A 27 1.67 5.29 4.76
CA ASN A 27 1.83 5.84 6.10
C ASN A 27 2.29 7.29 6.10
N PHE A 28 3.19 7.62 5.19
CA PHE A 28 3.87 8.90 5.20
C PHE A 28 3.43 9.84 4.07
N LEU A 29 2.81 9.27 3.04
CA LEU A 29 2.32 10.06 1.92
C LEU A 29 0.80 10.16 1.90
N ARG A 30 0.13 9.01 1.90
CA ARG A 30 -1.32 8.99 1.71
C ARG A 30 -2.12 9.44 2.93
N PHE A 31 -1.72 9.00 4.12
CA PHE A 31 -2.47 9.34 5.33
C PHE A 31 -2.55 10.84 5.60
N PRO A 32 -1.40 11.53 5.67
CA PRO A 32 -1.45 12.97 5.96
C PRO A 32 -2.34 13.72 4.99
N VAL A 33 -2.22 13.43 3.70
CA VAL A 33 -3.05 14.07 2.69
C VAL A 33 -4.53 13.74 2.89
N GLN A 34 -4.82 12.46 3.09
CA GLN A 34 -6.19 12.01 3.32
C GLN A 34 -6.79 12.67 4.55
N ALA A 35 -6.00 12.74 5.62
CA ALA A 35 -6.46 13.36 6.86
C ALA A 35 -6.70 14.86 6.69
N ALA A 36 -5.82 15.52 5.96
CA ALA A 36 -5.91 16.96 5.75
C ALA A 36 -7.07 17.36 4.85
N GLU A 37 -7.26 16.65 3.74
CA GLU A 37 -8.34 16.96 2.81
C GLU A 37 -9.69 16.90 3.49
N ASN A 38 -9.84 15.98 4.44
CA ASN A 38 -11.14 15.70 5.04
C ASN A 38 -11.34 16.32 6.42
N GLY A 39 -10.78 17.50 6.63
CA GLY A 39 -11.00 18.25 7.86
C GLY A 39 -10.10 17.86 9.02
N GLY A 40 -9.04 17.11 8.75
CA GLY A 40 -8.11 16.71 9.79
C GLY A 40 -8.71 15.77 10.81
N GLY A 41 -9.22 16.33 11.90
CA GLY A 41 -9.78 15.55 12.98
C GLY A 41 -11.10 14.88 12.65
N ALA A 42 -11.77 15.41 11.63
CA ALA A 42 -13.00 14.81 11.13
C ALA A 42 -12.68 13.44 10.55
N PHE A 43 -11.48 13.31 10.01
CA PHE A 43 -11.03 12.07 9.38
C PHE A 43 -10.85 10.98 10.41
N MET A 44 -10.46 11.37 11.62
CA MET A 44 -10.06 10.42 12.66
C MET A 44 -11.20 9.57 13.21
N ILE A 45 -12.34 10.17 13.51
CA ILE A 45 -13.44 9.40 14.08
C ILE A 45 -13.84 8.23 13.18
N PRO A 46 -14.13 8.51 11.90
CA PRO A 46 -14.45 7.42 10.97
C PRO A 46 -13.26 6.48 10.82
N TYR A 47 -12.06 7.04 10.86
CA TYR A 47 -10.84 6.26 10.69
C TYR A 47 -10.68 5.20 11.77
N ILE A 48 -10.90 5.58 13.02
CA ILE A 48 -10.80 4.65 14.14
C ILE A 48 -11.87 3.56 14.02
N ILE A 49 -13.09 3.97 13.70
CA ILE A 49 -14.19 3.03 13.51
C ILE A 49 -13.87 2.03 12.41
N ALA A 50 -13.33 2.54 11.30
CA ALA A 50 -12.95 1.70 10.19
C ALA A 50 -11.90 0.67 10.62
N PHE A 51 -10.98 1.10 11.47
CA PHE A 51 -9.91 0.23 11.94
C PHE A 51 -10.44 -0.90 12.82
N LEU A 52 -11.45 -0.60 13.64
CA LEU A 52 -12.02 -1.59 14.55
C LEU A 52 -12.96 -2.57 13.84
N LEU A 53 -13.83 -2.04 12.99
CA LEU A 53 -14.85 -2.86 12.34
C LEU A 53 -14.38 -3.57 11.07
N VAL A 54 -13.41 -2.99 10.38
CA VAL A 54 -12.95 -3.56 9.12
C VAL A 54 -11.48 -3.98 9.15
N GLY A 55 -10.60 -3.02 9.41
CA GLY A 55 -9.17 -3.27 9.39
C GLY A 55 -8.73 -4.47 10.20
N ILE A 56 -9.13 -4.52 11.46
CA ILE A 56 -8.75 -5.63 12.34
C ILE A 56 -9.40 -6.96 11.96
N PRO A 57 -10.73 -6.98 11.78
CA PRO A 57 -11.40 -8.21 11.37
C PRO A 57 -10.82 -8.80 10.10
N LEU A 58 -10.71 -7.98 9.05
CA LEU A 58 -10.17 -8.45 7.78
C LEU A 58 -8.72 -8.89 7.89
N MET A 59 -7.97 -8.27 8.81
CA MET A 59 -6.58 -8.63 9.02
C MET A 59 -6.47 -10.09 9.46
N TRP A 60 -7.24 -10.45 10.48
CA TRP A 60 -7.25 -11.83 10.99
C TRP A 60 -7.73 -12.82 9.93
N ILE A 61 -8.81 -12.45 9.25
CA ILE A 61 -9.37 -13.32 8.22
C ILE A 61 -8.33 -13.70 7.17
N GLU A 62 -7.54 -12.72 6.75
CA GLU A 62 -6.53 -12.97 5.72
C GLU A 62 -5.39 -13.84 6.24
N TRP A 63 -4.99 -13.62 7.49
CA TRP A 63 -3.96 -14.45 8.13
C TRP A 63 -4.41 -15.90 8.14
N ALA A 64 -5.66 -16.13 8.51
CA ALA A 64 -6.22 -17.48 8.58
C ALA A 64 -6.15 -18.18 7.22
N MET A 65 -6.63 -17.49 6.19
CA MET A 65 -6.66 -18.05 4.84
C MET A 65 -5.26 -18.33 4.33
N GLY A 66 -4.33 -17.44 4.64
CA GLY A 66 -2.95 -17.63 4.25
C GLY A 66 -2.38 -18.89 4.90
N ARG A 67 -2.45 -18.94 6.22
CA ARG A 67 -1.97 -20.10 6.97
C ARG A 67 -2.68 -21.37 6.55
N TYR A 68 -4.00 -21.29 6.41
CA TYR A 68 -4.80 -22.43 5.96
C TYR A 68 -4.33 -22.92 4.59
N GLY A 69 -4.21 -21.99 3.65
CA GLY A 69 -3.76 -22.32 2.31
C GLY A 69 -2.34 -22.83 2.30
N GLY A 70 -1.48 -22.19 3.09
CA GLY A 70 -0.08 -22.58 3.18
C GLY A 70 0.10 -24.03 3.56
N ALA A 71 -0.70 -24.49 4.52
CA ALA A 71 -0.63 -25.86 5.00
C ALA A 71 -0.77 -26.86 3.85
N GLN A 72 -1.61 -26.51 2.88
CA GLN A 72 -1.87 -27.41 1.75
C GLN A 72 -0.98 -27.08 0.55
N GLY A 73 -0.01 -26.21 0.76
CA GLY A 73 0.97 -25.89 -0.26
C GLY A 73 0.55 -24.79 -1.23
N HIS A 74 -0.45 -24.00 -0.85
CA HIS A 74 -0.93 -22.91 -1.69
C HIS A 74 -0.89 -21.58 -0.97
N GLY A 75 -0.36 -20.56 -1.63
CA GLY A 75 -0.22 -19.24 -1.00
C GLY A 75 -1.06 -18.14 -1.60
N THR A 76 -1.73 -18.43 -2.71
CA THR A 76 -2.51 -17.41 -3.42
C THR A 76 -4.00 -17.73 -3.48
N THR A 77 -4.80 -16.72 -3.78
CA THR A 77 -6.26 -16.82 -3.72
C THR A 77 -6.92 -17.73 -4.76
N PRO A 78 -6.38 -17.78 -5.99
CA PRO A 78 -7.03 -18.64 -6.98
C PRO A 78 -7.20 -20.06 -6.46
N ALA A 79 -6.15 -20.61 -5.86
CA ALA A 79 -6.21 -21.94 -5.28
C ALA A 79 -6.91 -21.95 -3.93
N ILE A 80 -6.54 -20.99 -3.08
CA ILE A 80 -7.11 -20.91 -1.74
C ILE A 80 -8.63 -20.73 -1.76
N PHE A 81 -9.11 -19.89 -2.67
CA PHE A 81 -10.54 -19.72 -2.85
C PHE A 81 -11.20 -21.04 -3.16
N TYR A 82 -10.53 -21.86 -3.96
CA TYR A 82 -11.08 -23.15 -4.38
C TYR A 82 -11.16 -24.12 -3.20
N LEU A 83 -10.20 -24.04 -2.29
CA LEU A 83 -10.16 -24.91 -1.12
C LEU A 83 -11.29 -24.59 -0.15
N LEU A 84 -11.52 -23.30 0.10
CA LEU A 84 -12.60 -22.88 0.99
C LEU A 84 -13.93 -23.06 0.31
N TRP A 85 -13.95 -22.80 -1.00
CA TRP A 85 -15.18 -22.91 -1.78
C TRP A 85 -14.91 -23.67 -3.08
N ARG A 86 -15.50 -24.86 -3.19
CA ARG A 86 -15.26 -25.75 -4.31
C ARG A 86 -16.08 -25.41 -5.55
N ASN A 87 -15.74 -24.29 -6.20
CA ASN A 87 -16.41 -23.87 -7.43
C ASN A 87 -15.42 -23.29 -8.43
N ARG A 88 -15.66 -23.53 -9.71
CA ARG A 88 -14.81 -22.97 -10.77
C ARG A 88 -14.78 -21.46 -10.67
N PHE A 89 -15.90 -20.89 -10.27
CA PHE A 89 -16.04 -19.44 -10.14
C PHE A 89 -15.11 -18.88 -9.07
N ALA A 90 -14.84 -19.67 -8.04
CA ALA A 90 -13.97 -19.23 -6.95
C ALA A 90 -12.54 -18.99 -7.43
N LYS A 91 -12.07 -19.82 -8.36
CA LYS A 91 -10.74 -19.65 -8.93
C LYS A 91 -10.64 -18.35 -9.72
N ILE A 92 -11.67 -18.08 -10.52
CA ILE A 92 -11.70 -16.87 -11.33
C ILE A 92 -11.75 -15.63 -10.44
N LEU A 93 -12.55 -15.69 -9.38
CA LEU A 93 -12.57 -14.63 -8.38
C LEU A 93 -11.19 -14.50 -7.76
N GLY A 94 -10.48 -15.64 -7.68
CA GLY A 94 -9.17 -15.69 -7.08
C GLY A 94 -8.11 -14.95 -7.88
N VAL A 95 -8.36 -14.77 -9.17
CA VAL A 95 -7.43 -14.08 -10.04
C VAL A 95 -7.12 -12.68 -9.53
N PHE A 96 -8.14 -12.01 -8.98
CA PHE A 96 -7.95 -10.68 -8.42
C PHE A 96 -6.87 -10.66 -7.34
N GLY A 97 -6.67 -11.81 -6.69
CA GLY A 97 -5.65 -11.93 -5.66
C GLY A 97 -4.26 -11.88 -6.25
N LEU A 98 -4.16 -12.14 -7.54
CA LEU A 98 -2.88 -12.03 -8.25
C LEU A 98 -2.83 -10.71 -8.99
N TRP A 99 -3.98 -10.32 -9.54
CA TRP A 99 -4.09 -9.13 -10.38
C TRP A 99 -3.94 -7.84 -9.60
N ILE A 100 -4.74 -7.70 -8.54
CA ILE A 100 -4.72 -6.47 -7.75
C ILE A 100 -3.33 -6.11 -7.22
N PRO A 101 -2.62 -7.07 -6.60
CA PRO A 101 -1.31 -6.76 -6.04
C PRO A 101 -0.27 -6.49 -7.12
N LEU A 102 -0.43 -7.15 -8.27
CA LEU A 102 0.50 -6.96 -9.38
C LEU A 102 0.34 -5.58 -10.01
N VAL A 103 -0.90 -5.15 -10.21
CA VAL A 103 -1.16 -3.83 -10.78
C VAL A 103 -0.63 -2.75 -9.87
N VAL A 104 -0.86 -2.91 -8.57
CA VAL A 104 -0.40 -1.94 -7.59
C VAL A 104 1.12 -1.80 -7.61
N ALA A 105 1.81 -2.93 -7.64
CA ALA A 105 3.28 -2.93 -7.67
C ALA A 105 3.81 -2.11 -8.84
N ILE A 106 3.15 -2.25 -9.99
CA ILE A 106 3.61 -1.61 -11.22
C ILE A 106 3.82 -0.10 -11.07
N TYR A 107 2.85 0.61 -10.50
CA TYR A 107 3.00 2.04 -10.27
C TYR A 107 3.68 2.36 -8.95
N TYR A 108 3.45 1.50 -7.95
CA TYR A 108 3.98 1.72 -6.60
C TYR A 108 5.52 1.70 -6.59
N VAL A 109 6.09 0.71 -7.27
CA VAL A 109 7.54 0.58 -7.35
C VAL A 109 8.14 1.79 -8.05
N TYR A 110 7.40 2.36 -8.99
CA TYR A 110 7.86 3.55 -9.70
C TYR A 110 7.93 4.74 -8.75
N ILE A 111 6.87 4.93 -7.97
CA ILE A 111 6.88 6.00 -6.98
C ILE A 111 8.01 5.76 -5.98
N GLU A 112 8.23 4.49 -5.67
CA GLU A 112 9.31 4.10 -4.77
C GLU A 112 10.65 4.53 -5.33
N SER A 113 10.80 4.44 -6.65
CA SER A 113 12.06 4.79 -7.29
C SER A 113 12.33 6.29 -7.24
N TRP A 114 11.27 7.08 -7.17
CA TRP A 114 11.41 8.53 -7.05
C TRP A 114 12.12 8.85 -5.74
N THR A 115 11.64 8.24 -4.67
CA THR A 115 12.21 8.47 -3.34
C THR A 115 13.69 8.13 -3.31
N LEU A 116 14.08 7.10 -4.04
CA LEU A 116 15.49 6.72 -4.12
C LEU A 116 16.28 7.77 -4.90
N GLY A 117 15.69 8.24 -6.00
CA GLY A 117 16.34 9.24 -6.83
C GLY A 117 16.51 10.57 -6.10
N PHE A 118 15.48 10.97 -5.38
CA PHE A 118 15.54 12.19 -4.58
C PHE A 118 16.53 12.04 -3.43
N ALA A 119 16.49 10.88 -2.78
CA ALA A 119 17.41 10.60 -1.68
C ALA A 119 18.85 10.71 -2.14
N ILE A 120 19.15 10.10 -3.28
CA ILE A 120 20.50 10.14 -3.84
C ILE A 120 20.91 11.57 -4.19
N LYS A 121 20.01 12.31 -4.85
CA LYS A 121 20.31 13.69 -5.23
C LYS A 121 20.46 14.60 -4.02
N PHE A 122 19.68 14.33 -2.96
CA PHE A 122 19.74 15.16 -1.76
C PHE A 122 21.03 14.93 -0.98
N LEU A 123 21.50 13.69 -0.97
CA LEU A 123 22.76 13.35 -0.32
C LEU A 123 23.89 14.13 -0.98
N VAL A 124 23.96 14.08 -2.30
CA VAL A 124 25.04 14.69 -3.05
C VAL A 124 24.85 16.19 -3.24
N GLY A 125 23.75 16.73 -2.71
CA GLY A 125 23.49 18.15 -2.76
C GLY A 125 23.07 18.66 -4.12
N LEU A 126 22.69 17.74 -5.01
CA LEU A 126 22.18 18.11 -6.32
C LEU A 126 20.71 18.51 -6.21
N VAL A 127 20.46 19.60 -5.48
CA VAL A 127 19.10 20.08 -5.25
C VAL A 127 18.98 21.56 -5.61
N PRO A 128 17.74 22.02 -5.86
CA PRO A 128 17.53 23.43 -6.20
C PRO A 128 17.79 24.36 -5.02
N GLU A 129 18.38 25.52 -5.28
CA GLU A 129 18.57 26.52 -4.24
C GLU A 129 17.58 27.67 -4.37
N PRO A 130 16.63 27.76 -3.44
CA PRO A 130 15.65 28.86 -3.40
C PRO A 130 16.32 30.15 -2.91
N PRO A 131 15.77 31.31 -3.28
CA PRO A 131 16.32 32.60 -2.82
C PRO A 131 16.06 32.86 -1.36
N PRO A 132 17.13 33.09 -0.58
CA PRO A 132 16.99 33.46 0.84
C PRO A 132 16.88 34.99 0.99
N THR A 135 11.65 34.83 0.55
CA THR A 135 10.75 34.43 1.63
C THR A 135 9.31 34.25 1.15
N ASP A 136 9.11 34.40 -0.15
CA ASP A 136 7.80 34.21 -0.78
C ASP A 136 7.48 32.71 -0.88
N PRO A 137 6.23 32.33 -0.57
CA PRO A 137 5.79 30.93 -0.68
C PRO A 137 5.95 30.36 -2.09
N ASP A 138 5.54 31.12 -3.10
CA ASP A 138 5.61 30.63 -4.48
C ASP A 138 7.05 30.49 -4.94
N SER A 139 7.90 31.41 -4.52
CA SER A 139 9.30 31.44 -4.96
C SER A 139 10.11 30.25 -4.43
N ILE A 140 9.79 29.78 -3.23
CA ILE A 140 10.50 28.66 -2.65
C ILE A 140 9.94 27.32 -3.13
N LEU A 141 8.65 27.28 -3.43
CA LEU A 141 7.99 26.06 -3.91
C LEU A 141 8.24 25.80 -5.39
N ARG A 142 8.30 26.87 -6.17
CA ARG A 142 8.47 26.77 -7.62
C ARG A 142 9.73 26.01 -8.06
N PRO A 143 10.86 26.27 -7.40
CA PRO A 143 12.10 25.59 -7.80
C PRO A 143 12.00 24.09 -7.55
N PHE A 144 11.27 23.72 -6.50
CA PHE A 144 11.07 22.31 -6.17
C PHE A 144 10.03 21.65 -7.07
N LYS A 145 8.98 22.38 -7.42
CA LYS A 145 8.02 21.87 -8.38
C LYS A 145 8.75 21.60 -9.69
N GLU A 146 9.67 22.49 -10.05
CA GLU A 146 10.48 22.30 -11.25
C GLU A 146 11.30 21.03 -11.17
N PHE A 147 11.95 20.81 -10.03
CA PHE A 147 12.82 19.66 -9.85
C PHE A 147 12.06 18.34 -10.00
N LEU A 148 10.87 18.27 -9.40
CA LEU A 148 10.03 17.08 -9.51
C LEU A 148 9.47 16.91 -10.92
N TYR A 149 9.00 18.01 -11.51
CA TYR A 149 8.42 17.99 -12.85
C TYR A 149 9.44 17.58 -13.91
N SER A 150 10.68 18.01 -13.70
CA SER A 150 11.77 17.66 -14.61
C SER A 150 12.15 16.19 -14.41
N TYR A 151 12.09 15.75 -13.17
CA TYR A 151 12.47 14.39 -12.81
C TYR A 151 11.59 13.36 -13.50
N ILE A 152 10.28 13.51 -13.36
CA ILE A 152 9.34 12.54 -13.94
C ILE A 152 8.84 12.93 -15.32
N GLY A 153 9.34 14.05 -15.85
CA GLY A 153 9.04 14.47 -17.21
C GLY A 153 7.61 14.88 -17.47
N VAL A 154 7.04 15.68 -16.57
CA VAL A 154 5.68 16.18 -16.75
C VAL A 154 5.54 16.98 -18.05
N PRO A 155 4.47 16.72 -18.81
CA PRO A 155 4.27 17.34 -20.13
C PRO A 155 4.36 18.86 -20.11
N LYS A 156 5.17 19.41 -21.01
CA LYS A 156 5.19 20.86 -21.23
C LYS A 156 4.22 21.22 -22.35
N GLY A 157 3.48 20.22 -22.82
CA GLY A 157 2.52 20.41 -23.89
C GLY A 157 1.18 19.76 -23.65
N ASP A 158 0.25 20.01 -24.57
CA ASP A 158 -1.11 19.49 -24.49
C ASP A 158 -1.16 17.95 -24.48
N GLU A 159 -0.34 17.32 -25.32
CA GLU A 159 -0.27 15.87 -25.39
C GLU A 159 0.06 15.26 -24.02
N PRO A 160 -0.62 14.16 -23.65
CA PRO A 160 -0.47 13.53 -22.35
C PRO A 160 0.68 12.54 -22.30
N ILE A 161 1.89 13.01 -22.60
CA ILE A 161 3.05 12.14 -22.65
C ILE A 161 4.15 12.58 -21.67
N LEU A 162 4.60 11.63 -20.86
CA LEU A 162 5.65 11.87 -19.88
C LEU A 162 7.03 11.54 -20.47
N LYS A 163 7.98 12.42 -20.25
CA LYS A 163 9.34 12.23 -20.73
C LYS A 163 10.31 12.29 -19.56
N PRO A 164 10.28 11.26 -18.70
CA PRO A 164 11.14 11.24 -17.51
C PRO A 164 12.62 11.28 -17.87
N SER A 165 13.44 11.80 -16.97
CA SER A 165 14.87 11.95 -17.22
C SER A 165 15.60 10.61 -17.23
N LEU A 166 16.85 10.64 -17.67
CA LEU A 166 17.67 9.43 -17.71
C LEU A 166 17.95 8.91 -16.31
N PHE A 167 18.13 9.82 -15.37
CA PHE A 167 18.36 9.46 -13.98
C PHE A 167 17.17 8.70 -13.41
N ALA A 168 15.97 9.23 -13.61
CA ALA A 168 14.74 8.60 -13.15
C ALA A 168 14.60 7.19 -13.70
N TYR A 169 14.81 7.04 -15.01
CA TYR A 169 14.69 5.74 -15.65
C TYR A 169 15.73 4.76 -15.13
N ILE A 170 16.94 5.26 -14.92
CA ILE A 170 18.05 4.44 -14.43
C ILE A 170 17.84 4.05 -12.96
N VAL A 171 17.35 4.99 -12.17
CA VAL A 171 17.04 4.73 -10.77
C VAL A 171 15.93 3.70 -10.66
N PHE A 172 15.03 3.70 -11.65
CA PHE A 172 13.96 2.70 -11.68
C PHE A 172 14.53 1.29 -11.87
N LEU A 173 15.51 1.16 -12.75
CA LEU A 173 16.17 -0.12 -12.96
C LEU A 173 16.82 -0.58 -11.67
N ILE A 174 17.55 0.32 -11.03
CA ILE A 174 18.22 0.00 -9.77
C ILE A 174 17.19 -0.43 -8.74
N THR A 175 16.09 0.30 -8.66
CA THR A 175 15.03 -0.02 -7.72
C THR A 175 14.52 -1.44 -7.95
N MET A 176 14.27 -1.78 -9.21
CA MET A 176 13.86 -3.13 -9.56
C MET A 176 14.92 -4.15 -9.14
N PHE A 177 16.18 -3.84 -9.41
CA PHE A 177 17.28 -4.70 -9.04
C PHE A 177 17.28 -4.97 -7.53
N ILE A 178 17.16 -3.90 -6.75
CA ILE A 178 17.14 -4.02 -5.30
C ILE A 178 15.97 -4.88 -4.82
N ASN A 179 14.81 -4.69 -5.43
CA ASN A 179 13.65 -5.50 -5.11
C ASN A 179 13.91 -6.97 -5.41
N VAL A 180 14.42 -7.24 -6.61
CA VAL A 180 14.69 -8.61 -7.04
C VAL A 180 15.73 -9.28 -6.15
N SER A 181 16.75 -8.53 -5.76
CA SER A 181 17.85 -9.08 -4.96
C SER A 181 17.38 -9.56 -3.59
N ILE A 182 16.37 -8.88 -3.05
CA ILE A 182 15.78 -9.31 -1.78
C ILE A 182 14.84 -10.49 -1.99
N LEU A 183 14.03 -10.42 -3.04
CA LEU A 183 13.06 -11.47 -3.34
C LEU A 183 13.69 -12.80 -3.72
N ILE A 184 14.83 -12.73 -4.42
CA ILE A 184 15.45 -13.93 -4.97
C ILE A 184 16.04 -14.83 -3.88
N ARG A 185 16.34 -14.25 -2.73
CA ARG A 185 16.87 -15.03 -1.60
C ARG A 185 15.75 -15.82 -0.91
N GLY A 186 14.52 -15.34 -1.04
CA GLY A 186 13.38 -16.04 -0.48
C GLY A 186 12.76 -15.38 0.74
N ILE A 187 11.93 -16.13 1.44
CA ILE A 187 11.21 -15.62 2.60
C ILE A 187 12.09 -15.43 3.83
N SER A 188 12.71 -16.52 4.29
CA SER A 188 13.51 -16.48 5.51
C SER A 188 14.80 -15.68 5.35
N LYS A 189 15.53 -15.92 4.26
CA LYS A 189 16.83 -15.29 4.07
C LYS A 189 16.75 -14.00 3.26
N GLY A 190 15.58 -13.72 2.70
CA GLY A 190 15.39 -12.52 1.91
C GLY A 190 14.53 -11.47 2.61
N ILE A 191 13.22 -11.65 2.51
CA ILE A 191 12.28 -10.72 3.11
C ILE A 191 12.53 -10.54 4.60
N GLU A 192 12.72 -11.65 5.29
CA GLU A 192 12.87 -11.65 6.74
C GLU A 192 14.15 -10.94 7.20
N ARG A 193 15.27 -11.26 6.56
CA ARG A 193 16.53 -10.62 6.91
C ARG A 193 16.43 -9.12 6.75
N PHE A 194 15.87 -8.68 5.63
CA PHE A 194 15.76 -7.26 5.34
C PHE A 194 14.80 -6.55 6.29
N ALA A 195 13.72 -7.24 6.67
CA ALA A 195 12.73 -6.67 7.57
C ALA A 195 13.32 -6.30 8.93
N LYS A 196 14.23 -7.12 9.43
CA LYS A 196 14.83 -6.88 10.74
C LYS A 196 15.75 -5.68 10.75
N ILE A 197 16.47 -5.47 9.66
CA ILE A 197 17.36 -4.33 9.55
C ILE A 197 16.61 -3.08 9.12
N ALA A 198 15.58 -3.27 8.29
CA ALA A 198 14.88 -2.14 7.69
C ALA A 198 13.89 -1.45 8.64
N MET A 199 13.13 -2.24 9.39
CA MET A 199 12.12 -1.68 10.28
C MET A 199 12.71 -0.80 11.41
N PRO A 200 13.74 -1.28 12.11
CA PRO A 200 14.41 -0.46 13.12
C PRO A 200 14.97 0.83 12.52
N THR A 201 15.61 0.73 11.36
CA THR A 201 16.15 1.90 10.69
C THR A 201 15.02 2.89 10.40
N LEU A 202 13.92 2.37 9.89
CA LEU A 202 12.76 3.17 9.53
C LEU A 202 12.19 3.93 10.73
N PHE A 203 12.05 3.23 11.85
CA PHE A 203 11.50 3.83 13.06
C PHE A 203 12.41 4.90 13.63
N ILE A 204 13.72 4.66 13.59
CA ILE A 204 14.68 5.63 14.09
C ILE A 204 14.66 6.90 13.24
N LEU A 205 14.67 6.72 11.92
CA LEU A 205 14.61 7.86 11.01
C LEU A 205 13.35 8.68 11.25
N ALA A 206 12.22 8.00 11.32
CA ALA A 206 10.93 8.68 11.48
C ALA A 206 10.88 9.49 12.77
N VAL A 207 11.31 8.88 13.87
CA VAL A 207 11.31 9.55 15.16
C VAL A 207 12.19 10.80 15.14
N PHE A 208 13.37 10.68 14.53
CA PHE A 208 14.25 11.83 14.40
C PHE A 208 13.57 12.95 13.62
N LEU A 209 12.94 12.59 12.50
CA LEU A 209 12.23 13.56 11.68
C LEU A 209 11.05 14.18 12.45
N VAL A 210 10.31 13.35 13.17
CA VAL A 210 9.23 13.83 14.01
C VAL A 210 9.78 14.83 15.01
N ILE A 211 10.87 14.44 15.69
CA ILE A 211 11.52 15.30 16.66
C ILE A 211 11.97 16.62 16.03
N ARG A 212 12.66 16.52 14.91
CA ARG A 212 13.15 17.71 14.22
C ARG A 212 11.99 18.61 13.76
N VAL A 213 10.91 17.99 13.30
CA VAL A 213 9.76 18.73 12.81
C VAL A 213 9.07 19.53 13.92
N PHE A 214 9.03 18.98 15.13
CA PHE A 214 8.45 19.70 16.26
C PHE A 214 9.18 21.02 16.52
N LEU A 215 10.50 21.03 16.31
CA LEU A 215 11.31 22.22 16.56
C LEU A 215 10.95 23.35 15.60
N LEU A 216 10.38 22.99 14.45
CA LEU A 216 10.00 23.97 13.44
C LEU A 216 9.13 25.07 14.03
N GLU A 217 9.58 26.31 13.88
CA GLU A 217 8.89 27.47 14.42
C GLU A 217 8.94 28.62 13.42
N THR A 218 7.80 29.27 13.20
CA THR A 218 7.70 30.36 12.24
C THR A 218 6.62 31.34 12.66
N PRO A 219 6.67 32.55 12.10
CA PRO A 219 5.63 33.55 12.31
C PRO A 219 4.26 32.99 11.97
N ASN A 220 4.20 32.15 10.93
CA ASN A 220 2.95 31.57 10.47
C ASN A 220 2.34 30.60 11.48
N GLY A 221 3.19 29.84 12.17
CA GLY A 221 2.73 28.92 13.18
C GLY A 221 3.79 27.95 13.69
N THR A 222 3.34 26.89 14.34
CA THR A 222 4.21 25.88 14.91
C THR A 222 3.69 24.48 14.59
N ALA A 223 4.54 23.48 14.82
CA ALA A 223 4.16 22.09 14.56
C ALA A 223 2.97 21.68 15.43
N ALA A 224 2.94 22.20 16.66
CA ALA A 224 1.86 21.92 17.58
C ALA A 224 0.53 22.37 16.98
N ASP A 225 0.56 23.46 16.22
CA ASP A 225 -0.63 23.96 15.54
C ASP A 225 -1.16 22.89 14.58
N GLY A 226 -0.24 22.20 13.92
CA GLY A 226 -0.59 21.17 12.97
C GLY A 226 -1.17 19.94 13.63
N LEU A 227 -0.62 19.59 14.80
CA LEU A 227 -1.08 18.41 15.52
C LEU A 227 -2.48 18.58 16.09
N ASN A 228 -2.77 19.78 16.59
CA ASN A 228 -4.10 20.07 17.12
C ASN A 228 -5.18 19.99 16.05
N PHE A 229 -4.83 20.40 14.84
CA PHE A 229 -5.76 20.35 13.71
C PHE A 229 -6.08 18.91 13.35
N LEU A 230 -5.05 18.08 13.35
CA LEU A 230 -5.21 16.65 13.05
C LEU A 230 -6.00 15.94 14.14
N TRP A 231 -5.69 16.23 15.39
CA TRP A 231 -6.30 15.50 16.51
C TRP A 231 -7.64 16.04 16.99
N THR A 232 -7.87 17.34 16.79
CA THR A 232 -9.16 17.93 17.12
C THR A 232 -10.25 17.31 16.23
N PRO A 233 -11.35 16.82 16.84
CA PRO A 233 -12.43 16.18 16.09
C PRO A 233 -13.62 17.11 15.88
N ASP A 234 -14.18 17.11 14.67
CA ASP A 234 -15.39 17.86 14.33
C ASP A 234 -16.50 16.86 14.02
N PHE A 235 -17.64 17.00 14.68
CA PHE A 235 -18.72 16.02 14.55
C PHE A 235 -19.56 16.21 13.31
N GLU A 236 -19.65 17.45 12.84
CA GLU A 236 -20.48 17.79 11.69
C GLU A 236 -20.00 17.07 10.45
N LYS A 237 -18.69 16.87 10.35
CA LYS A 237 -18.08 16.27 9.18
C LYS A 237 -18.36 14.78 9.10
N LEU A 238 -18.66 14.16 10.24
CA LEU A 238 -18.85 12.73 10.29
C LEU A 238 -20.04 12.29 9.46
N LYS A 239 -21.04 13.16 9.33
CA LYS A 239 -22.28 12.80 8.67
C LYS A 239 -22.11 12.52 7.18
N ASP A 240 -21.21 13.26 6.54
CA ASP A 240 -20.92 13.14 5.12
C ASP A 240 -20.37 11.76 4.75
N PRO A 241 -20.93 11.15 3.69
CA PRO A 241 -20.47 9.86 3.18
C PRO A 241 -19.02 9.91 2.69
N GLY A 242 -18.62 11.05 2.12
CA GLY A 242 -17.30 11.19 1.53
C GLY A 242 -16.17 10.91 2.50
N VAL A 243 -16.30 11.40 3.73
CA VAL A 243 -15.28 11.23 4.75
C VAL A 243 -15.11 9.77 5.14
N TRP A 244 -16.23 9.06 5.28
CA TRP A 244 -16.19 7.63 5.59
C TRP A 244 -15.56 6.83 4.46
N ILE A 245 -15.85 7.23 3.22
CA ILE A 245 -15.28 6.56 2.06
C ILE A 245 -13.77 6.69 2.05
N ALA A 246 -13.28 7.89 2.35
CA ALA A 246 -11.84 8.14 2.39
C ALA A 246 -11.18 7.38 3.54
N ALA A 247 -11.82 7.41 4.71
CA ALA A 247 -11.29 6.73 5.88
C ALA A 247 -11.14 5.22 5.64
N VAL A 248 -12.19 4.61 5.10
CA VAL A 248 -12.17 3.18 4.82
C VAL A 248 -11.16 2.83 3.74
N GLY A 249 -11.07 3.70 2.73
CA GLY A 249 -10.11 3.50 1.67
C GLY A 249 -8.69 3.50 2.19
N GLN A 250 -8.39 4.41 3.11
CA GLN A 250 -7.06 4.48 3.70
C GLN A 250 -6.74 3.23 4.52
N ILE A 251 -7.74 2.73 5.26
CA ILE A 251 -7.56 1.55 6.09
C ILE A 251 -7.13 0.33 5.26
N PHE A 252 -7.90 0.03 4.23
CA PHE A 252 -7.55 -1.05 3.32
C PHE A 252 -6.14 -0.87 2.80
N PHE A 253 -5.85 0.32 2.27
CA PHE A 253 -4.54 0.58 1.65
C PHE A 253 -3.38 0.45 2.63
N THR A 254 -3.54 1.01 3.83
CA THR A 254 -2.47 0.97 4.82
C THR A 254 -2.24 -0.38 5.46
N LEU A 255 -3.31 -1.13 5.70
CA LEU A 255 -3.16 -2.48 6.23
C LEU A 255 -2.90 -3.55 5.14
N SER A 256 -2.92 -3.10 3.88
CA SER A 256 -2.63 -3.98 2.75
C SER A 256 -3.72 -5.03 2.62
N LEU A 257 -4.94 -4.67 3.02
CA LEU A 257 -6.05 -5.61 2.99
C LEU A 257 -6.75 -5.63 1.64
N GLY A 258 -7.12 -6.81 1.19
CA GLY A 258 -7.84 -6.97 -0.08
C GLY A 258 -6.92 -6.95 -1.29
N PHE A 259 -5.63 -7.04 -1.06
CA PHE A 259 -4.66 -7.12 -2.15
C PHE A 259 -4.15 -8.54 -2.31
N GLY A 260 -4.54 -9.40 -1.36
CA GLY A 260 -4.12 -10.79 -1.36
C GLY A 260 -2.68 -10.96 -0.94
N ALA A 261 -2.07 -9.86 -0.50
CA ALA A 261 -0.66 -9.87 -0.10
C ALA A 261 -0.45 -10.42 1.30
N ILE A 262 -1.36 -10.06 2.22
CA ILE A 262 -1.28 -10.57 3.58
C ILE A 262 -1.40 -12.09 3.57
N ILE A 263 -2.25 -12.60 2.68
CA ILE A 263 -2.50 -14.01 2.55
C ILE A 263 -1.24 -14.78 2.13
N THR A 264 -0.55 -14.28 1.13
CA THR A 264 0.67 -14.94 0.66
C THR A 264 1.71 -15.00 1.78
N TYR A 265 1.88 -13.88 2.48
CA TYR A 265 2.80 -13.81 3.61
C TYR A 265 2.40 -14.81 4.70
N ALA A 266 1.10 -14.85 4.99
CA ALA A 266 0.56 -15.72 6.03
C ALA A 266 0.75 -17.21 5.71
N SER A 267 0.76 -17.53 4.42
CA SER A 267 0.87 -18.92 3.99
C SER A 267 2.22 -19.52 4.38
N TYR A 268 3.16 -18.65 4.73
CA TYR A 268 4.49 -19.09 5.13
C TYR A 268 4.61 -19.31 6.64
N VAL A 269 3.54 -18.97 7.36
CA VAL A 269 3.46 -19.25 8.78
C VAL A 269 3.14 -20.73 8.97
N ARG A 270 3.77 -21.36 9.96
CA ARG A 270 3.54 -22.79 10.22
C ARG A 270 2.09 -23.04 10.63
N LYS A 271 1.62 -24.27 10.38
CA LYS A 271 0.19 -24.59 10.48
C LYS A 271 -0.48 -24.24 11.81
N ASP A 272 0.20 -24.51 12.92
CA ASP A 272 -0.37 -24.28 14.24
C ASP A 272 0.16 -23.02 14.92
N GLN A 273 0.97 -22.27 14.18
CA GLN A 273 1.57 -21.05 14.72
C GLN A 273 0.51 -19.96 14.88
N ASP A 274 0.63 -19.18 15.95
CA ASP A 274 -0.35 -18.14 16.25
C ASP A 274 -0.43 -17.05 15.18
N ILE A 275 -1.65 -16.69 14.79
CA ILE A 275 -1.86 -15.59 13.86
C ILE A 275 -2.71 -14.50 14.50
N VAL A 276 -3.33 -14.82 15.63
CA VAL A 276 -4.19 -13.85 16.31
C VAL A 276 -3.40 -12.71 16.90
N LEU A 277 -2.46 -13.03 17.78
CA LEU A 277 -1.62 -12.01 18.40
C LEU A 277 -0.67 -11.41 17.39
N SER A 278 -0.04 -12.27 16.59
CA SER A 278 0.89 -11.81 15.56
C SER A 278 0.22 -10.82 14.62
N GLY A 279 -1.00 -11.15 14.19
CA GLY A 279 -1.76 -10.28 13.31
C GLY A 279 -2.01 -8.93 13.96
N LEU A 280 -2.42 -8.94 15.22
CA LEU A 280 -2.73 -7.71 15.93
C LEU A 280 -1.50 -6.83 16.11
N THR A 281 -0.37 -7.44 16.41
CA THR A 281 0.86 -6.69 16.66
C THR A 281 1.33 -5.96 15.41
N ALA A 282 1.30 -6.66 14.28
CA ALA A 282 1.70 -6.06 13.00
C ALA A 282 0.76 -4.90 12.65
N ALA A 283 -0.53 -5.09 12.89
CA ALA A 283 -1.52 -4.05 12.63
C ALA A 283 -1.33 -2.89 13.58
N THR A 284 -1.02 -3.20 14.85
CA THR A 284 -0.80 -2.17 15.85
C THR A 284 0.44 -1.34 15.50
N LEU A 285 1.45 -1.99 14.93
CA LEU A 285 2.67 -1.31 14.52
C LEU A 285 2.43 -0.34 13.36
N ASN A 286 1.66 -0.76 12.37
CA ASN A 286 1.34 0.12 11.25
C ASN A 286 0.55 1.38 11.63
N GLU A 287 -0.44 1.22 12.50
CA GLU A 287 -1.22 2.37 12.99
C GLU A 287 -0.37 3.35 13.78
N LYS A 288 0.51 2.83 14.64
CA LYS A 288 1.43 3.68 15.39
C LYS A 288 2.35 4.43 14.43
N ALA A 289 2.82 3.75 13.40
CA ALA A 289 3.66 4.39 12.38
C ALA A 289 2.87 5.40 11.55
N GLU A 290 1.61 5.10 11.32
CA GLU A 290 0.77 5.91 10.43
C GLU A 290 0.29 7.21 11.07
N VAL A 291 -0.21 7.11 12.29
CA VAL A 291 -0.77 8.28 12.97
C VAL A 291 0.26 9.01 13.83
N ILE A 292 1.05 8.26 14.59
CA ILE A 292 2.05 8.86 15.46
C ILE A 292 3.23 9.43 14.67
N LEU A 293 3.66 8.72 13.64
CA LEU A 293 4.81 9.14 12.86
C LEU A 293 4.42 9.85 11.57
N GLY A 294 3.51 9.23 10.82
CA GLY A 294 3.09 9.77 9.53
C GLY A 294 2.40 11.11 9.65
N GLY A 295 1.44 11.20 10.56
CA GLY A 295 0.71 12.44 10.77
C GLY A 295 1.59 13.57 11.25
N SER A 296 2.64 13.24 12.01
CA SER A 296 3.43 14.25 12.70
C SER A 296 4.41 15.02 11.82
N ILE A 297 4.97 14.32 10.83
CA ILE A 297 5.98 14.91 9.96
C ILE A 297 5.40 15.80 8.87
N SER A 298 4.54 15.22 8.03
CA SER A 298 4.03 15.93 6.87
C SER A 298 3.13 17.10 7.21
N ILE A 299 2.06 16.83 7.95
CA ILE A 299 1.07 17.88 8.26
C ILE A 299 1.65 19.06 9.04
N PRO A 300 2.22 18.78 10.23
CA PRO A 300 2.71 19.86 11.12
C PRO A 300 3.84 20.68 10.51
N ALA A 301 4.61 20.11 9.59
CA ALA A 301 5.69 20.85 8.96
C ALA A 301 5.12 21.94 8.06
N ALA A 302 4.08 21.58 7.31
CA ALA A 302 3.40 22.51 6.42
C ALA A 302 2.63 23.57 7.20
N VAL A 303 2.03 23.15 8.32
CA VAL A 303 1.28 24.07 9.17
C VAL A 303 2.16 25.15 9.75
N ALA A 304 3.32 24.78 10.29
CA ALA A 304 4.24 25.75 10.86
C ALA A 304 4.52 26.84 9.85
N PHE A 305 5.11 26.45 8.72
CA PHE A 305 5.50 27.40 7.67
C PHE A 305 4.35 28.14 6.98
N PHE A 306 3.21 27.48 6.82
CA PHE A 306 2.14 28.04 5.98
C PHE A 306 0.81 28.32 6.68
N GLY A 307 0.61 27.71 7.85
CA GLY A 307 -0.66 27.84 8.55
C GLY A 307 -1.61 26.75 8.12
N VAL A 308 -2.67 26.54 8.89
CA VAL A 308 -3.61 25.45 8.64
C VAL A 308 -4.27 25.54 7.27
N ALA A 309 -4.86 26.69 6.97
CA ALA A 309 -5.59 26.86 5.72
C ALA A 309 -4.75 26.50 4.50
N ASN A 310 -3.55 27.07 4.42
CA ASN A 310 -2.67 26.80 3.29
C ASN A 310 -2.23 25.34 3.22
N ALA A 311 -1.99 24.73 4.37
CA ALA A 311 -1.59 23.33 4.42
C ALA A 311 -2.69 22.46 3.81
N VAL A 312 -3.93 22.73 4.20
CA VAL A 312 -5.07 22.01 3.67
C VAL A 312 -5.14 22.21 2.16
N ALA A 313 -4.81 23.43 1.72
CA ALA A 313 -4.76 23.75 0.31
C ALA A 313 -3.64 22.96 -0.37
N ILE A 314 -2.55 22.76 0.35
CA ILE A 314 -1.41 22.01 -0.17
C ILE A 314 -1.76 20.53 -0.29
N ALA A 315 -2.48 20.00 0.68
CA ALA A 315 -2.90 18.61 0.67
C ALA A 315 -3.89 18.35 -0.47
N LYS A 316 -4.74 19.34 -0.72
CA LYS A 316 -5.76 19.24 -1.77
C LYS A 316 -5.15 19.24 -3.17
N ALA A 317 -4.03 19.92 -3.32
CA ALA A 317 -3.41 20.12 -4.63
C ALA A 317 -2.95 18.83 -5.29
N GLY A 318 -2.32 17.96 -4.52
CA GLY A 318 -1.81 16.71 -5.07
C GLY A 318 -1.32 15.73 -4.02
N ALA A 319 -1.23 14.46 -4.42
CA ALA A 319 -0.76 13.41 -3.51
C ALA A 319 0.75 13.51 -3.26
N PHE A 320 1.48 14.05 -4.23
CA PHE A 320 2.93 14.09 -4.16
C PHE A 320 3.45 15.50 -3.89
N ASN A 321 2.55 16.47 -3.89
CA ASN A 321 2.93 17.86 -3.64
C ASN A 321 3.54 18.06 -2.26
N LEU A 322 2.84 17.56 -1.24
CA LEU A 322 3.32 17.66 0.14
C LEU A 322 4.61 16.89 0.35
N GLY A 323 4.68 15.68 -0.19
CA GLY A 323 5.80 14.79 0.02
C GLY A 323 7.06 15.13 -0.75
N PHE A 324 6.88 15.54 -2.01
CA PHE A 324 8.02 15.74 -2.90
C PHE A 324 8.33 17.21 -3.18
N ILE A 325 7.37 18.09 -2.93
CA ILE A 325 7.54 19.50 -3.24
C ILE A 325 7.54 20.40 -2.01
N THR A 326 6.51 20.30 -1.19
CA THR A 326 6.35 21.18 -0.04
C THR A 326 7.35 20.91 1.08
N LEU A 327 7.41 19.68 1.55
CA LEU A 327 8.30 19.32 2.64
C LEU A 327 9.77 19.60 2.33
N PRO A 328 10.23 19.19 1.14
CA PRO A 328 11.61 19.47 0.75
C PRO A 328 11.88 20.97 0.70
N ALA A 329 10.90 21.74 0.27
CA ALA A 329 11.03 23.19 0.19
C ALA A 329 11.05 23.81 1.59
N ILE A 330 10.26 23.25 2.49
CA ILE A 330 10.24 23.70 3.87
C ILE A 330 11.57 23.39 4.54
N PHE A 331 12.08 22.19 4.26
CA PHE A 331 13.37 21.76 4.79
C PHE A 331 14.52 22.64 4.29
N SER A 332 14.42 23.09 3.04
CA SER A 332 15.49 23.87 2.43
C SER A 332 15.80 25.14 3.20
N GLN A 333 14.79 25.73 3.83
CA GLN A 333 14.99 26.92 4.64
C GLN A 333 15.79 26.59 5.89
N THR A 334 15.48 25.46 6.50
CA THR A 334 16.09 25.05 7.76
C THR A 334 17.57 24.67 7.61
N ALA A 335 18.32 24.80 8.70
CA ALA A 335 19.74 24.46 8.70
C ALA A 335 19.93 22.96 8.55
N GLY A 336 20.80 22.58 7.61
CA GLY A 336 21.01 21.18 7.29
C GLY A 336 19.77 20.60 6.63
N GLY A 337 19.00 21.48 5.99
CA GLY A 337 17.74 21.09 5.38
C GLY A 337 17.88 20.02 4.31
N THR A 338 18.92 20.13 3.49
CA THR A 338 19.15 19.18 2.42
C THR A 338 19.40 17.78 2.97
N PHE A 339 20.22 17.71 4.03
CA PHE A 339 20.49 16.43 4.67
C PHE A 339 19.21 15.89 5.30
N LEU A 340 18.38 16.80 5.79
CA LEU A 340 17.10 16.42 6.39
C LEU A 340 16.16 15.90 5.31
N GLY A 341 16.27 16.48 4.12
CA GLY A 341 15.50 16.00 2.98
C GLY A 341 15.92 14.59 2.59
N PHE A 342 17.20 14.31 2.71
CA PHE A 342 17.73 12.98 2.40
C PHE A 342 17.18 11.92 3.35
N LEU A 343 17.09 12.25 4.63
CA LEU A 343 16.57 11.31 5.63
C LEU A 343 15.09 11.03 5.37
N TRP A 344 14.36 12.08 5.01
CA TRP A 344 12.93 11.95 4.70
C TRP A 344 12.70 11.02 3.51
N PHE A 345 13.38 11.29 2.41
CA PHE A 345 13.26 10.47 1.20
C PHE A 345 13.83 9.07 1.40
N PHE A 346 14.87 8.97 2.23
CA PHE A 346 15.46 7.68 2.52
C PHE A 346 14.51 6.84 3.37
N LEU A 347 13.84 7.48 4.31
CA LEU A 347 12.80 6.83 5.09
C LEU A 347 11.72 6.31 4.16
N LEU A 348 11.26 7.17 3.25
CA LEU A 348 10.24 6.80 2.29
C LEU A 348 10.68 5.60 1.45
N PHE A 349 11.94 5.60 1.04
CA PHE A 349 12.46 4.52 0.21
C PHE A 349 12.44 3.17 0.91
N PHE A 350 12.82 3.14 2.18
CA PHE A 350 12.77 1.91 2.95
C PHE A 350 11.33 1.47 3.20
N ALA A 351 10.46 2.44 3.49
CA ALA A 351 9.05 2.18 3.70
C ALA A 351 8.43 1.55 2.47
N GLY A 352 8.73 2.11 1.30
CA GLY A 352 8.21 1.57 0.06
C GLY A 352 8.84 0.25 -0.36
N LEU A 353 10.14 0.11 -0.08
CA LEU A 353 10.88 -1.09 -0.46
C LEU A 353 10.29 -2.30 0.24
N THR A 354 9.93 -2.11 1.51
CA THR A 354 9.39 -3.21 2.29
C THR A 354 8.00 -3.62 1.83
N SER A 355 7.27 -2.67 1.25
CA SER A 355 5.92 -2.90 0.79
C SER A 355 5.86 -3.53 -0.59
N SER A 356 6.74 -3.04 -1.46
CA SER A 356 6.78 -3.48 -2.84
C SER A 356 7.14 -4.97 -2.98
N ILE A 357 8.08 -5.43 -2.16
CA ILE A 357 8.45 -6.84 -2.18
C ILE A 357 7.26 -7.72 -1.81
N ALA A 358 6.40 -7.18 -0.94
CA ALA A 358 5.18 -7.87 -0.54
C ALA A 358 4.15 -7.88 -1.68
N GLN A 359 4.20 -6.85 -2.51
CA GLN A 359 3.27 -6.72 -3.63
C GLN A 359 3.57 -7.71 -4.75
N MET A 360 4.85 -8.07 -4.89
CA MET A 360 5.30 -8.95 -5.96
C MET A 360 5.32 -10.42 -5.53
N GLN A 361 5.29 -10.67 -4.23
CA GLN A 361 5.40 -12.02 -3.70
C GLN A 361 4.23 -12.95 -4.07
N PRO A 362 3.00 -12.42 -4.13
CA PRO A 362 1.86 -13.25 -4.52
C PRO A 362 2.02 -13.86 -5.91
N MET A 363 2.47 -13.07 -6.88
CA MET A 363 2.72 -13.57 -8.21
C MET A 363 3.81 -14.62 -8.15
N ILE A 364 4.87 -14.31 -7.42
CA ILE A 364 6.00 -15.21 -7.23
C ILE A 364 5.53 -16.51 -6.57
N ALA A 365 4.68 -16.38 -5.55
CA ALA A 365 4.15 -17.55 -4.85
C ALA A 365 3.33 -18.42 -5.79
N PHE A 366 2.49 -17.78 -6.60
CA PHE A 366 1.63 -18.50 -7.54
C PHE A 366 2.44 -19.33 -8.53
N LEU A 367 3.47 -18.72 -9.11
CA LEU A 367 4.30 -19.42 -10.07
C LEU A 367 5.01 -20.62 -9.44
N GLU A 368 5.53 -20.42 -8.25
CA GLU A 368 6.16 -21.50 -7.50
C GLU A 368 5.13 -22.56 -7.10
N ASP A 369 4.06 -22.10 -6.44
CA ASP A 369 3.05 -22.99 -5.90
C ASP A 369 2.25 -23.76 -6.96
N GLU A 370 1.84 -23.07 -8.02
CA GLU A 370 0.89 -23.66 -8.96
C GLU A 370 1.53 -24.16 -10.26
N LEU A 371 2.51 -23.42 -10.78
CA LEU A 371 3.18 -23.82 -12.00
C LEU A 371 4.50 -24.54 -11.71
N LYS A 372 4.83 -24.64 -10.42
CA LYS A 372 6.00 -25.38 -9.96
C LYS A 372 7.31 -24.80 -10.50
N LEU A 373 7.39 -23.48 -10.55
CA LEU A 373 8.61 -22.80 -11.00
C LEU A 373 9.56 -22.55 -9.84
N SER A 374 10.86 -22.56 -10.14
CA SER A 374 11.87 -22.26 -9.14
C SER A 374 11.78 -20.80 -8.73
N ARG A 375 12.35 -20.47 -7.57
CA ARG A 375 12.29 -19.11 -7.07
C ARG A 375 13.00 -18.13 -7.99
N LYS A 376 14.16 -18.53 -8.50
CA LYS A 376 14.92 -17.69 -9.42
C LYS A 376 14.05 -17.29 -10.60
N HIS A 377 13.46 -18.28 -11.26
CA HIS A 377 12.62 -18.04 -12.43
C HIS A 377 11.36 -17.27 -12.06
N ALA A 378 10.73 -17.64 -10.96
CA ALA A 378 9.51 -16.98 -10.50
C ALA A 378 9.75 -15.50 -10.24
N VAL A 379 10.86 -15.19 -9.58
CA VAL A 379 11.21 -13.82 -9.24
C VAL A 379 11.60 -13.01 -10.48
N LEU A 380 12.37 -13.63 -11.37
CA LEU A 380 12.85 -12.94 -12.56
C LEU A 380 11.73 -12.66 -13.57
N TRP A 381 10.86 -13.63 -13.79
CA TRP A 381 9.74 -13.43 -14.70
C TRP A 381 8.76 -12.40 -14.13
N THR A 382 8.56 -12.43 -12.83
CA THR A 382 7.69 -11.46 -12.16
C THR A 382 8.27 -10.06 -12.27
N ALA A 383 9.58 -9.93 -12.09
CA ALA A 383 10.25 -8.65 -12.25
C ALA A 383 10.07 -8.12 -13.67
N ALA A 384 10.14 -9.02 -14.66
CA ALA A 384 10.00 -8.66 -16.06
C ALA A 384 8.62 -8.10 -16.38
N ILE A 385 7.58 -8.74 -15.85
CA ILE A 385 6.21 -8.30 -16.10
C ILE A 385 5.98 -6.94 -15.46
N VAL A 386 6.48 -6.76 -14.24
CA VAL A 386 6.33 -5.50 -13.52
C VAL A 386 7.14 -4.38 -14.17
N PHE A 387 8.37 -4.68 -14.55
CA PHE A 387 9.23 -3.70 -15.20
C PHE A 387 8.66 -3.24 -16.54
N PHE A 388 8.29 -4.20 -17.38
CA PHE A 388 7.73 -3.91 -18.69
C PHE A 388 6.42 -3.11 -18.56
N SER A 389 5.54 -3.55 -17.67
CA SER A 389 4.25 -2.91 -17.47
C SER A 389 4.39 -1.48 -16.96
N ALA A 390 5.45 -1.24 -16.21
CA ALA A 390 5.67 0.05 -15.55
C ALA A 390 5.94 1.17 -16.55
N HIS A 391 6.19 0.81 -17.80
CA HIS A 391 6.45 1.81 -18.84
C HIS A 391 5.24 2.67 -19.15
N LEU A 392 4.05 2.09 -19.00
CA LEU A 392 2.82 2.83 -19.22
C LEU A 392 2.72 3.94 -18.17
N VAL A 393 3.05 3.59 -16.93
CA VAL A 393 3.03 4.54 -15.82
C VAL A 393 4.12 5.59 -15.96
N MET A 394 5.22 5.23 -16.61
CA MET A 394 6.35 6.13 -16.78
C MET A 394 6.14 7.13 -17.92
N PHE A 395 5.49 6.70 -18.99
CA PHE A 395 5.38 7.52 -20.20
C PHE A 395 3.98 8.05 -20.48
N LEU A 396 2.95 7.42 -19.91
CA LEU A 396 1.58 7.86 -20.18
C LEU A 396 0.98 8.61 -19.00
N ASN A 397 0.65 9.88 -19.23
CA ASN A 397 0.11 10.72 -18.18
C ASN A 397 -1.24 10.24 -17.65
N LYS A 398 -1.35 10.15 -16.33
CA LYS A 398 -2.60 9.79 -15.66
C LYS A 398 -2.86 8.28 -15.68
N SER A 399 -1.97 7.53 -16.32
CA SER A 399 -2.06 6.08 -16.30
C SER A 399 -1.95 5.53 -14.88
N LEU A 400 -1.06 6.13 -14.09
CA LEU A 400 -0.87 5.77 -12.69
C LEU A 400 -2.19 5.87 -11.93
N ASP A 401 -2.87 6.99 -12.09
CA ASP A 401 -4.10 7.26 -11.36
C ASP A 401 -5.13 6.20 -11.67
N GLU A 402 -5.18 5.80 -12.94
CA GLU A 402 -6.16 4.82 -13.39
C GLU A 402 -5.94 3.47 -12.74
N MET A 403 -4.67 3.05 -12.67
CA MET A 403 -4.34 1.79 -12.02
C MET A 403 -4.64 1.86 -10.53
N ASP A 404 -4.35 3.01 -9.92
CA ASP A 404 -4.57 3.20 -8.49
C ASP A 404 -6.06 3.15 -8.14
N PHE A 405 -6.88 3.74 -8.99
CA PHE A 405 -8.33 3.76 -8.74
C PHE A 405 -8.95 2.38 -8.85
N TRP A 406 -8.57 1.63 -9.88
CA TRP A 406 -9.18 0.32 -10.12
C TRP A 406 -8.65 -0.77 -9.19
N ALA A 407 -7.33 -0.79 -8.98
CA ALA A 407 -6.70 -1.83 -8.17
C ALA A 407 -6.51 -1.39 -6.72
N GLY A 408 -6.12 -0.14 -6.52
CA GLY A 408 -5.81 0.37 -5.20
C GLY A 408 -7.02 0.85 -4.42
N THR A 409 -8.12 1.10 -5.12
CA THR A 409 -9.31 1.64 -4.48
C THR A 409 -10.52 0.72 -4.59
N ILE A 410 -11.15 0.70 -5.76
CA ILE A 410 -12.36 -0.08 -5.97
C ILE A 410 -12.10 -1.57 -5.76
N GLY A 411 -11.07 -2.07 -6.42
CA GLY A 411 -10.75 -3.49 -6.41
C GLY A 411 -10.60 -4.10 -5.03
N VAL A 412 -9.90 -3.40 -4.14
CA VAL A 412 -9.61 -3.95 -2.81
C VAL A 412 -10.84 -4.11 -1.94
N VAL A 413 -11.73 -3.13 -1.97
CA VAL A 413 -12.97 -3.19 -1.20
C VAL A 413 -13.83 -4.36 -1.66
N PHE A 414 -13.92 -4.55 -2.97
CA PHE A 414 -14.63 -5.69 -3.53
C PHE A 414 -13.99 -7.00 -3.07
N PHE A 415 -12.67 -7.05 -3.14
CA PHE A 415 -11.94 -8.27 -2.82
C PHE A 415 -12.01 -8.60 -1.33
N GLY A 416 -11.95 -7.57 -0.49
CA GLY A 416 -12.05 -7.76 0.94
C GLY A 416 -13.38 -8.40 1.33
N LEU A 417 -14.47 -7.85 0.80
CA LEU A 417 -15.80 -8.37 1.04
C LEU A 417 -15.96 -9.79 0.47
N THR A 418 -15.41 -10.02 -0.71
CA THR A 418 -15.54 -11.30 -1.38
C THR A 418 -14.86 -12.41 -0.58
N GLU A 419 -13.66 -12.12 -0.08
CA GLU A 419 -12.90 -13.09 0.69
C GLU A 419 -13.55 -13.31 2.05
N LEU A 420 -14.16 -12.26 2.58
CA LEU A 420 -14.84 -12.35 3.87
C LEU A 420 -16.07 -13.24 3.74
N ILE A 421 -16.81 -13.07 2.66
CA ILE A 421 -18.00 -13.86 2.41
C ILE A 421 -17.65 -15.32 2.18
N ILE A 422 -16.67 -15.56 1.30
CA ILE A 422 -16.22 -16.92 1.02
C ILE A 422 -15.73 -17.63 2.28
N PHE A 423 -14.93 -16.93 3.08
CA PHE A 423 -14.34 -17.53 4.28
C PHE A 423 -15.38 -17.78 5.38
N PHE A 424 -16.35 -16.89 5.51
CA PHE A 424 -17.33 -17.03 6.58
C PHE A 424 -18.65 -17.67 6.16
N TRP A 425 -19.37 -17.03 5.23
CA TRP A 425 -20.68 -17.52 4.80
C TRP A 425 -20.62 -18.85 4.06
N ILE A 426 -19.88 -18.87 2.94
CA ILE A 426 -19.75 -20.06 2.11
C ILE A 426 -18.98 -21.17 2.83
N PHE A 427 -17.84 -20.80 3.43
CA PHE A 427 -16.98 -21.77 4.12
C PHE A 427 -17.53 -22.17 5.47
N GLY A 428 -18.47 -21.38 6.00
CA GLY A 428 -19.03 -21.63 7.31
C GLY A 428 -18.36 -20.80 8.39
N ALA A 429 -19.15 -20.00 9.09
CA ALA A 429 -18.64 -19.08 10.10
C ALA A 429 -17.87 -19.80 11.21
N ASP A 430 -18.41 -20.92 11.67
CA ASP A 430 -17.77 -21.65 12.77
C ASP A 430 -16.42 -22.25 12.39
N LYS A 431 -16.36 -22.89 11.23
CA LYS A 431 -15.11 -23.44 10.74
C LYS A 431 -14.08 -22.33 10.58
N ALA A 432 -14.54 -21.15 10.15
CA ALA A 432 -13.67 -20.00 9.98
C ALA A 432 -13.17 -19.50 11.33
N TRP A 433 -14.04 -19.58 12.34
CA TRP A 433 -13.70 -19.14 13.68
C TRP A 433 -12.61 -20.00 14.30
N GLU A 434 -12.77 -21.31 14.18
CA GLU A 434 -11.78 -22.26 14.68
C GLU A 434 -10.45 -22.06 13.96
N GLU A 435 -10.53 -21.85 12.66
CA GLU A 435 -9.34 -21.69 11.83
C GLU A 435 -8.57 -20.42 12.20
N ILE A 436 -9.28 -19.37 12.57
CA ILE A 436 -8.63 -18.12 12.96
C ILE A 436 -8.01 -18.26 14.35
N ASN A 437 -8.83 -18.63 15.33
CA ASN A 437 -8.39 -18.70 16.72
C ASN A 437 -7.36 -19.79 16.99
N ARG A 438 -7.44 -20.88 16.25
CA ARG A 438 -6.58 -22.04 16.48
C ARG A 438 -5.10 -21.68 16.52
N GLY A 439 -4.40 -22.20 17.52
CA GLY A 439 -2.97 -21.98 17.66
C GLY A 439 -2.59 -20.61 18.19
N GLY A 440 -3.59 -19.77 18.43
CA GLY A 440 -3.35 -18.41 18.85
C GLY A 440 -2.86 -18.28 20.29
N ILE A 441 -1.85 -17.44 20.49
CA ILE A 441 -1.36 -17.14 21.83
C ILE A 441 -2.50 -16.56 22.66
N ILE A 442 -3.34 -15.75 22.03
CA ILE A 442 -4.54 -15.23 22.65
C ILE A 442 -5.74 -15.39 21.72
N LYS A 443 -6.91 -15.62 22.30
CA LYS A 443 -8.12 -15.79 21.51
C LYS A 443 -8.69 -14.44 21.06
N VAL A 444 -9.36 -14.45 19.90
CA VAL A 444 -10.05 -13.28 19.41
C VAL A 444 -11.29 -13.06 20.28
N PRO A 445 -11.53 -11.81 20.70
CA PRO A 445 -12.70 -11.50 21.52
C PRO A 445 -13.99 -11.99 20.88
N ARG A 446 -14.89 -12.56 21.68
CA ARG A 446 -16.12 -13.16 21.19
C ARG A 446 -16.96 -12.18 20.37
N ILE A 447 -16.82 -10.89 20.66
CA ILE A 447 -17.59 -9.86 19.98
C ILE A 447 -17.25 -9.81 18.48
N TYR A 448 -16.00 -10.10 18.16
CA TYR A 448 -15.53 -10.00 16.78
C TYR A 448 -16.13 -11.07 15.86
N TYR A 449 -16.53 -12.20 16.43
CA TYR A 449 -17.21 -13.23 15.66
C TYR A 449 -18.42 -12.63 14.96
N TYR A 450 -19.17 -11.81 15.71
CA TYR A 450 -20.38 -11.19 15.19
C TYR A 450 -20.09 -10.04 14.25
N VAL A 451 -19.00 -9.32 14.51
CA VAL A 451 -18.58 -8.24 13.63
C VAL A 451 -18.22 -8.81 12.26
N MET A 452 -17.38 -9.84 12.27
CA MET A 452 -16.95 -10.48 11.03
C MET A 452 -18.12 -11.06 10.25
N ARG A 453 -19.00 -11.77 10.95
CA ARG A 453 -20.12 -12.44 10.29
C ARG A 453 -21.22 -11.49 9.84
N TYR A 454 -21.41 -10.39 10.55
CA TYR A 454 -22.53 -9.50 10.26
C TYR A 454 -22.16 -8.04 10.01
N ILE A 455 -21.49 -7.41 10.96
CA ILE A 455 -21.21 -5.98 10.88
C ILE A 455 -20.29 -5.61 9.71
N THR A 456 -19.17 -6.32 9.59
CA THR A 456 -18.19 -6.02 8.55
C THR A 456 -18.75 -6.12 7.12
N PRO A 457 -19.41 -7.25 6.80
CA PRO A 457 -19.96 -7.40 5.45
C PRO A 457 -21.09 -6.40 5.16
N ALA A 458 -21.94 -6.15 6.14
CA ALA A 458 -23.02 -5.18 5.98
C ALA A 458 -22.47 -3.77 5.85
N PHE A 459 -21.41 -3.50 6.59
CA PHE A 459 -20.75 -2.21 6.55
C PHE A 459 -20.12 -1.94 5.19
N LEU A 460 -19.44 -2.94 4.65
CA LEU A 460 -18.77 -2.82 3.36
C LEU A 460 -19.75 -2.78 2.18
N ALA A 461 -20.80 -3.59 2.26
CA ALA A 461 -21.79 -3.64 1.20
C ALA A 461 -22.45 -2.27 1.00
N VAL A 462 -22.85 -1.65 2.10
CA VAL A 462 -23.45 -0.32 2.04
C VAL A 462 -22.47 0.68 1.44
N LEU A 463 -21.23 0.64 1.93
CA LEU A 463 -20.19 1.56 1.48
C LEU A 463 -20.01 1.48 -0.03
N LEU A 464 -19.97 0.25 -0.55
CA LEU A 464 -19.82 0.06 -1.99
C LEU A 464 -21.02 0.59 -2.76
N VAL A 465 -22.21 0.40 -2.21
CA VAL A 465 -23.43 0.88 -2.85
C VAL A 465 -23.44 2.40 -2.94
N VAL A 466 -23.16 3.05 -1.81
CA VAL A 466 -23.07 4.51 -1.77
C VAL A 466 -21.97 4.98 -2.72
N TRP A 467 -20.87 4.26 -2.73
CA TRP A 467 -19.73 4.56 -3.58
C TRP A 467 -20.16 4.53 -5.03
N ALA A 468 -20.87 3.46 -5.37
CA ALA A 468 -21.33 3.24 -6.73
C ALA A 468 -22.22 4.38 -7.22
N ARG A 469 -23.15 4.81 -6.38
CA ARG A 469 -24.12 5.82 -6.79
C ARG A 469 -23.53 7.10 -7.30
N GLU A 470 -22.52 7.57 -6.61
CA GLU A 470 -21.96 8.87 -6.90
C GLU A 470 -20.80 8.75 -7.87
N TYR A 471 -19.92 7.78 -7.64
CA TYR A 471 -18.73 7.61 -8.49
C TYR A 471 -19.00 6.89 -9.81
N ILE A 472 -19.93 5.94 -9.82
CA ILE A 472 -20.21 5.17 -11.05
C ILE A 472 -20.57 6.04 -12.26
N PRO A 473 -21.43 7.04 -12.06
CA PRO A 473 -21.75 7.89 -13.21
C PRO A 473 -20.46 8.39 -13.88
N LYS A 474 -19.45 8.73 -13.08
CA LYS A 474 -18.21 9.31 -13.60
C LYS A 474 -17.43 8.39 -14.53
N ILE A 475 -17.37 7.10 -14.19
CA ILE A 475 -16.59 6.15 -14.98
C ILE A 475 -17.14 6.03 -16.40
N MET A 476 -16.37 6.50 -17.37
CA MET A 476 -16.76 6.45 -18.77
C MET A 476 -17.76 7.54 -19.19
N GLU A 477 -18.38 8.22 -18.23
CA GLU A 477 -19.24 9.35 -18.55
C GLU A 477 -18.39 10.39 -19.26
N GLU A 478 -17.36 10.88 -18.56
CA GLU A 478 -16.42 11.83 -19.14
C GLU A 478 -15.01 11.72 -18.58
N THR A 479 -14.08 11.40 -19.48
CA THR A 479 -12.67 11.31 -19.12
C THR A 479 -11.87 11.28 -20.42
N HIS A 480 -10.56 11.52 -20.32
CA HIS A 480 -9.71 11.50 -21.50
C HIS A 480 -9.63 10.09 -22.07
N TRP A 481 -9.58 9.99 -23.40
CA TRP A 481 -9.59 8.71 -24.08
C TRP A 481 -8.37 7.86 -23.74
N THR A 482 -7.29 8.51 -23.30
CA THR A 482 -6.05 7.82 -22.97
C THR A 482 -6.19 6.87 -21.79
N VAL A 483 -7.23 7.06 -20.98
CA VAL A 483 -7.48 6.17 -19.85
C VAL A 483 -7.78 4.76 -20.33
N TRP A 484 -8.27 4.65 -21.56
CA TRP A 484 -8.61 3.36 -22.14
C TRP A 484 -7.38 2.52 -22.40
N ILE A 485 -6.27 3.17 -22.69
CA ILE A 485 -5.01 2.47 -22.91
C ILE A 485 -4.65 1.69 -21.66
N THR A 486 -4.74 2.35 -20.51
CA THR A 486 -4.48 1.71 -19.22
C THR A 486 -5.48 0.61 -18.93
N ARG A 487 -6.77 0.93 -19.10
CA ARG A 487 -7.83 -0.03 -18.87
C ARG A 487 -7.65 -1.25 -19.75
N PHE A 488 -7.37 -1.00 -21.03
CA PHE A 488 -7.15 -2.08 -21.98
C PHE A 488 -6.01 -2.98 -21.51
N TYR A 489 -4.91 -2.36 -21.09
CA TYR A 489 -3.74 -3.13 -20.67
C TYR A 489 -3.99 -3.96 -19.41
N ILE A 490 -4.57 -3.35 -18.38
CA ILE A 490 -4.80 -4.07 -17.13
C ILE A 490 -5.88 -5.14 -17.28
N ILE A 491 -6.85 -4.90 -18.16
CA ILE A 491 -7.83 -5.94 -18.49
C ILE A 491 -7.09 -7.11 -19.12
N GLY A 492 -6.15 -6.80 -20.00
CA GLY A 492 -5.32 -7.80 -20.62
C GLY A 492 -4.52 -8.60 -19.61
N LEU A 493 -4.05 -7.92 -18.58
CA LEU A 493 -3.31 -8.58 -17.50
C LEU A 493 -4.20 -9.60 -16.81
N PHE A 494 -5.43 -9.21 -16.51
CA PHE A 494 -6.36 -10.11 -15.84
C PHE A 494 -6.60 -11.35 -16.71
N LEU A 495 -6.76 -11.14 -18.00
CA LEU A 495 -6.97 -12.23 -18.95
C LEU A 495 -5.74 -13.14 -18.98
N PHE A 496 -4.56 -12.53 -19.00
CA PHE A 496 -3.31 -13.28 -18.99
C PHE A 496 -3.15 -14.10 -17.72
N LEU A 497 -3.51 -13.50 -16.59
CA LEU A 497 -3.46 -14.21 -15.31
C LEU A 497 -4.48 -15.33 -15.26
N THR A 498 -5.65 -15.12 -15.87
CA THR A 498 -6.67 -16.15 -15.94
C THR A 498 -6.15 -17.36 -16.73
N PHE A 499 -5.37 -17.10 -17.77
CA PHE A 499 -4.79 -18.13 -18.59
C PHE A 499 -3.81 -19.01 -17.81
N LEU A 500 -3.01 -18.38 -16.96
CA LEU A 500 -2.04 -19.12 -16.15
C LEU A 500 -2.75 -20.01 -15.13
N VAL A 501 -3.84 -19.50 -14.58
CA VAL A 501 -4.66 -20.29 -13.67
C VAL A 501 -5.19 -21.50 -14.41
N PHE A 502 -5.56 -21.29 -15.68
CA PHE A 502 -6.05 -22.37 -16.52
C PHE A 502 -4.96 -23.41 -16.75
N LEU A 503 -3.74 -22.94 -16.99
CA LEU A 503 -2.60 -23.83 -17.17
C LEU A 503 -2.27 -24.59 -15.89
N ALA A 504 -2.42 -23.91 -14.76
CA ALA A 504 -2.12 -24.50 -13.47
C ALA A 504 -3.11 -25.63 -13.14
N GLU A 505 -4.38 -25.40 -13.43
CA GLU A 505 -5.41 -26.39 -13.14
C GLU A 505 -5.23 -27.63 -14.01
N ARG A 506 -4.82 -27.42 -15.25
CA ARG A 506 -4.66 -28.51 -16.22
C ARG A 506 -3.38 -29.30 -15.97
N ARG A 507 -2.30 -28.58 -15.63
CA ARG A 507 -1.05 -29.24 -15.29
C ARG A 507 -1.29 -30.18 -14.12
N ARG A 508 -2.02 -29.68 -13.13
CA ARG A 508 -2.37 -30.45 -11.94
C ARG A 508 -3.16 -31.70 -12.32
N ASN A 509 -4.03 -31.57 -13.32
CA ASN A 509 -4.81 -32.71 -13.80
C ASN A 509 -3.93 -33.79 -14.42
N HIS A 510 -2.93 -33.37 -15.18
CA HIS A 510 -1.99 -34.32 -15.77
C HIS A 510 -1.18 -35.02 -14.70
N GLU A 511 -0.79 -34.27 -13.68
CA GLU A 511 -0.03 -34.82 -12.57
C GLU A 511 -0.88 -35.80 -11.78
N SER A 512 -2.15 -35.48 -11.60
CA SER A 512 -3.08 -36.36 -10.90
C SER A 512 -3.24 -37.69 -11.62
N ALA A 513 -3.50 -37.65 -12.93
CA ALA A 513 -3.61 -38.87 -13.71
C ALA A 513 -2.32 -39.67 -13.64
N GLY A 514 -1.24 -39.02 -13.22
CA GLY A 514 0.07 -39.65 -13.17
C GLY A 514 0.39 -40.28 -11.84
N THR A 515 -0.65 -40.80 -11.19
CA THR A 515 -0.55 -41.31 -9.83
C THR A 515 -1.64 -42.35 -9.59
N TRP B . 0.05 -0.94 2.66
CA TRP B . 1.11 -0.27 1.90
C TRP B . 1.38 1.13 2.47
O TRP B . 2.13 1.98 1.96
CB TRP B . 0.71 -0.21 0.43
CG TRP B . 0.11 -1.47 -0.07
CD1 TRP B . -1.13 -1.62 -0.63
CD2 TRP B . 0.70 -2.76 -0.07
NE1 TRP B . -1.33 -2.93 -0.99
CE2 TRP B . -0.22 -3.66 -0.65
CE3 TRP B . 1.94 -3.26 0.36
CZ2 TRP B . 0.05 -5.02 -0.80
CZ3 TRP B . 2.21 -4.61 0.20
CH2 TRP B . 1.27 -5.47 -0.37
OXT TRP B . 0.83 1.47 3.50
NA NA C . 6.71 -1.02 3.73
NA NA D . 0.60 1.47 5.90
C1 BOG E . 23.56 11.84 -16.96
O1 BOG E . 23.38 10.49 -16.54
C2 BOG E . 24.67 11.86 -18.01
O2 BOG E . 25.91 11.48 -17.42
C3 BOG E . 24.82 13.25 -18.63
O3 BOG E . 25.75 13.19 -19.72
C4 BOG E . 23.47 13.75 -19.14
O4 BOG E . 23.59 15.11 -19.57
C5 BOG E . 22.40 13.64 -18.05
O5 BOG E . 22.34 12.31 -17.54
C6 BOG E . 21.04 14.03 -18.60
O6 BOG E . 20.67 13.12 -19.64
C1' BOG E . 23.04 10.37 -15.16
C2' BOG E . 22.52 8.95 -14.93
C3' BOG E . 23.43 8.13 -14.03
C4' BOG E . 23.07 8.29 -12.57
C5' BOG E . 23.79 7.26 -11.70
C6' BOG E . 22.95 6.85 -10.50
C7' BOG E . 23.72 5.90 -9.59
C8' BOG E . 22.98 5.69 -8.29
C1 BOG F . 14.57 5.70 -22.16
O1 BOG F . 14.01 4.78 -23.08
C2 BOG F . 15.63 6.54 -22.87
O2 BOG F . 16.74 5.69 -23.25
C3 BOG F . 16.14 7.67 -21.98
O3 BOG F . 17.02 8.52 -22.72
C4 BOG F . 14.96 8.47 -21.45
O4 BOG F . 15.42 9.47 -20.53
C5 BOG F . 13.96 7.54 -20.76
O5 BOG F . 13.52 6.55 -21.69
C6 BOG F . 12.76 8.32 -20.26
O6 BOG F . 12.10 8.94 -21.37
C1' BOG F . 13.42 3.65 -22.42
C2' BOG F . 12.27 3.11 -23.28
C3' BOG F . 12.66 1.85 -24.04
C4' BOG F . 13.09 0.72 -23.11
C5' BOG F . 14.58 0.46 -23.23
C6' BOG F . 14.86 -1.03 -23.43
C7' BOG F . 14.62 -1.82 -22.16
C8' BOG F . 15.61 -1.42 -21.08
C1 BOG G . 12.04 8.11 -27.54
O1 BOG G . 10.85 7.40 -27.20
C2 BOG G . 11.81 8.99 -28.77
O2 BOG G . 11.57 8.18 -29.93
C3 BOG G . 13.01 9.89 -29.06
O3 BOG G . 12.61 10.90 -30.00
C4 BOG G . 13.48 10.56 -27.78
O4 BOG G . 14.73 11.22 -28.04
C5 BOG G . 13.67 9.55 -26.66
O5 BOG G . 12.43 8.89 -26.42
C6 BOG G . 14.14 10.23 -25.37
O6 BOG G . 14.81 9.28 -24.54
C1' BOG G . 11.05 6.65 -26.01
C2' BOG G . 10.33 5.31 -26.11
C3' BOG G . 9.28 5.18 -25.01
C4' BOG G . 8.16 4.26 -25.51
C5' BOG G . 7.62 3.37 -24.40
C6' BOG G . 6.23 3.80 -23.97
C7' BOG G . 5.56 2.71 -23.15
C8' BOG G . 4.05 2.94 -23.04
#